data_4Z4W
#
_entry.id   4Z4W
#
_cell.length_a   65.290
_cell.length_b   79.344
_cell.length_c   69.576
_cell.angle_alpha   90.000
_cell.angle_beta   100.780
_cell.angle_gamma   90.000
#
_symmetry.space_group_name_H-M   'P 1 21 1'
#
loop_
_entity.id
_entity.type
_entity.pdbx_description
1 polymer 'Capsid protein'
2 non-polymer 1,2-ETHANEDIOL
3 non-polymer beta-L-fucopyranose
4 water water
#
_entity_poly.entity_id   1
_entity_poly.type   'polypeptide(L)'
_entity_poly.pdbx_seq_one_letter_code
;SKPFTLPILTLGELTNSRFPLPIDVLYTNPNESAIVQCQNGRCTLDGELQGTTQLLPTGICAFRGKVTQQVQDEHRGTHW
NMTVTNLNGTPFDPTEDVPAPLGTPDFSGQIYGVISQRNTNTVPGEGNLPANRAHEAVIATYSPKFTPKLGNIQFSTWET
QDVSSGQPTKFTPVGLASVDANSHFDQWTLPSYSGALTLNMNLAPSVAPVFPGECLLFFRSFIPLKGGYGNPAIDCLMPQ
EWVQHLYQESAPSLSDVALVRYVNPETGRTLFEAKLHRNGFLTVARNSAGPVVAPTNGYFRFDSWVNQFYTLAPM
;
_entity_poly.pdbx_strand_id   A,B
#
loop_
_chem_comp.id
_chem_comp.type
_chem_comp.name
_chem_comp.formula
EDO non-polymer 1,2-ETHANEDIOL 'C2 H6 O2'
FUL L-saccharide, beta linking beta-L-fucopyranose 'C6 H12 O5'
#
# COMPACT_ATOMS: atom_id res chain seq x y z
N LYS A 2 -22.50 20.44 -0.51
CA LYS A 2 -22.14 19.10 -0.01
C LYS A 2 -21.32 19.18 1.27
N PRO A 3 -21.84 18.60 2.36
CA PRO A 3 -21.19 18.66 3.68
C PRO A 3 -19.81 18.02 3.72
N PHE A 4 -18.85 18.72 4.32
CA PHE A 4 -17.50 18.19 4.50
C PHE A 4 -17.49 17.07 5.52
N THR A 5 -16.70 16.03 5.26
CA THR A 5 -16.53 14.91 6.17
C THR A 5 -15.12 14.35 6.12
N LEU A 6 -14.74 13.67 7.19
CA LEU A 6 -13.53 12.88 7.26
C LEU A 6 -13.93 11.41 7.37
N PRO A 7 -13.07 10.48 6.93
CA PRO A 7 -13.37 9.06 7.12
C PRO A 7 -13.38 8.72 8.60
N ILE A 8 -14.08 7.64 8.99
CA ILE A 8 -14.03 7.18 10.37
C ILE A 8 -12.99 6.07 10.52
N LEU A 9 -11.76 6.48 10.75
CA LEU A 9 -10.64 5.56 10.81
C LEU A 9 -9.78 5.86 11.99
N THR A 10 -9.55 4.84 12.79
CA THR A 10 -8.65 4.98 13.91
C THR A 10 -7.25 5.09 13.36
N LEU A 11 -6.32 5.52 14.20
CA LEU A 11 -4.90 5.57 13.85
C LEU A 11 -4.39 4.22 13.34
N GLY A 12 -4.92 3.15 13.91
CA GLY A 12 -4.46 1.81 13.55
C GLY A 12 -5.10 1.34 12.25
N GLU A 13 -5.89 2.22 11.65
CA GLU A 13 -6.52 1.93 10.36
C GLU A 13 -6.07 2.94 9.27
N LEU A 14 -5.01 3.67 9.56
CA LEU A 14 -4.49 4.71 8.65
C LEU A 14 -3.09 4.38 8.18
N THR A 15 -2.74 4.85 6.98
CA THR A 15 -1.37 4.70 6.47
C THR A 15 -0.77 6.04 6.09
N ASN A 16 0.55 6.06 6.05
CA ASN A 16 1.30 7.28 5.75
C ASN A 16 1.16 7.62 4.28
N SER A 17 1.01 8.90 3.98
CA SER A 17 0.91 9.37 2.61
C SER A 17 2.26 9.71 1.98
N ARG A 18 3.32 9.65 2.78
CA ARG A 18 4.68 9.97 2.31
C ARG A 18 5.61 8.76 2.19
N PHE A 19 5.22 7.62 2.74
CA PHE A 19 5.99 6.38 2.61
C PHE A 19 5.04 5.23 2.92
N PRO A 20 5.21 4.07 2.28
CA PRO A 20 4.20 3.02 2.55
C PRO A 20 4.34 2.33 3.93
N LEU A 21 3.75 2.98 4.92
CA LEU A 21 3.88 2.56 6.32
C LEU A 21 2.55 2.82 7.00
N PRO A 22 2.21 2.00 8.00
CA PRO A 22 1.06 2.37 8.82
C PRO A 22 1.36 3.60 9.65
N ILE A 23 0.32 4.33 10.04
CA ILE A 23 0.51 5.40 11.02
C ILE A 23 0.77 4.78 12.40
N ASP A 24 1.85 5.24 13.04
CA ASP A 24 2.22 4.73 14.36
C ASP A 24 1.69 5.59 15.50
N VAL A 25 1.85 6.90 15.35
N VAL A 25 1.95 6.89 15.44
CA VAL A 25 1.46 7.80 16.43
CA VAL A 25 1.52 7.82 16.50
C VAL A 25 1.17 9.20 15.87
C VAL A 25 1.22 9.21 15.91
N LEU A 26 0.38 9.99 16.59
CA LEU A 26 0.28 11.42 16.29
C LEU A 26 1.47 12.13 16.95
N TYR A 27 1.93 13.23 16.37
CA TYR A 27 3.21 13.80 16.78
C TYR A 27 3.29 15.31 16.56
N THR A 28 3.90 16.02 17.51
CA THR A 28 4.18 17.44 17.36
C THR A 28 5.66 17.77 17.55
N ASN A 29 6.10 18.86 16.94
CA ASN A 29 7.45 19.36 17.16
C ASN A 29 7.45 20.87 16.95
N PRO A 30 6.99 21.63 17.96
CA PRO A 30 6.83 23.08 17.80
C PRO A 30 8.13 23.81 17.45
N ASN A 31 9.26 23.24 17.86
CA ASN A 31 10.52 23.93 17.66
C ASN A 31 11.21 23.60 16.33
N GLU A 32 10.50 22.92 15.43
CA GLU A 32 11.02 22.60 14.10
C GLU A 32 11.54 23.85 13.38
N SER A 33 12.79 23.81 12.94
CA SER A 33 13.38 24.98 12.29
C SER A 33 13.17 24.94 10.77
N ALA A 34 12.96 23.76 10.21
CA ALA A 34 12.83 23.61 8.76
C ALA A 34 11.47 24.11 8.28
N ILE A 35 11.46 24.59 7.04
CA ILE A 35 10.21 24.88 6.36
C ILE A 35 9.54 23.56 5.98
N VAL A 36 8.29 23.40 6.37
CA VAL A 36 7.57 22.17 6.11
C VAL A 36 6.86 22.31 4.76
N GLN A 37 7.35 21.59 3.77
CA GLN A 37 6.82 21.72 2.42
C GLN A 37 6.95 20.39 1.68
N CYS A 38 6.47 19.33 2.31
CA CYS A 38 6.46 18.00 1.68
C CYS A 38 5.49 18.03 0.48
N GLN A 39 5.68 17.09 -0.43
CA GLN A 39 4.98 17.13 -1.73
C GLN A 39 4.06 15.93 -1.93
N ASN A 40 4.29 14.88 -1.15
CA ASN A 40 3.37 13.75 -1.08
C ASN A 40 2.43 13.95 0.10
N GLY A 41 1.24 13.38 0.02
CA GLY A 41 0.22 13.61 1.04
C GLY A 41 -0.29 15.03 1.07
N ARG A 42 -0.38 15.67 -0.10
CA ARG A 42 -0.84 17.05 -0.19
C ARG A 42 -2.16 17.06 -0.95
N CYS A 43 -3.20 17.54 -0.28
CA CYS A 43 -4.54 17.58 -0.84
C CYS A 43 -5.32 18.67 -0.11
N THR A 44 -6.00 19.54 -0.86
CA THR A 44 -6.84 20.57 -0.24
C THR A 44 -8.08 19.90 0.34
N LEU A 45 -8.79 20.62 1.20
CA LEU A 45 -9.96 20.03 1.83
C LEU A 45 -11.09 19.83 0.82
N ASP A 46 -11.07 20.55 -0.29
CA ASP A 46 -12.10 20.31 -1.31
C ASP A 46 -11.60 19.34 -2.40
N GLY A 47 -10.51 18.65 -2.12
CA GLY A 47 -10.13 17.47 -2.89
C GLY A 47 -9.14 17.63 -4.04
N GLU A 48 -8.40 18.73 -4.03
CA GLU A 48 -7.42 19.00 -5.08
C GLU A 48 -6.06 18.47 -4.67
N LEU A 49 -5.59 17.43 -5.36
CA LEU A 49 -4.26 16.88 -5.11
C LEU A 49 -3.21 17.90 -5.49
N GLN A 50 -2.16 18.01 -4.69
CA GLN A 50 -1.09 18.94 -5.00
C GLN A 50 0.28 18.28 -4.90
N GLY A 51 1.31 19.00 -5.33
CA GLY A 51 2.66 18.49 -5.30
C GLY A 51 2.79 17.27 -6.17
N THR A 52 3.39 16.21 -5.64
CA THR A 52 3.55 14.96 -6.40
C THR A 52 2.55 13.91 -5.93
N THR A 53 1.48 14.36 -5.30
CA THR A 53 0.55 13.43 -4.64
C THR A 53 -0.32 12.68 -5.64
N GLN A 54 -0.42 11.37 -5.45
CA GLN A 54 -1.35 10.59 -6.23
C GLN A 54 -2.07 9.64 -5.29
N LEU A 55 -3.06 8.92 -5.81
CA LEU A 55 -4.01 8.21 -4.95
C LEU A 55 -3.54 6.83 -4.49
N LEU A 56 -2.64 6.18 -5.23
CA LEU A 56 -2.29 4.78 -4.91
C LEU A 56 -1.33 4.67 -3.73
N PRO A 57 -1.70 3.85 -2.74
CA PRO A 57 -0.73 3.59 -1.67
C PRO A 57 0.54 2.94 -2.20
N THR A 58 0.40 2.17 -3.28
CA THR A 58 1.52 1.49 -3.92
C THR A 58 2.40 2.42 -4.76
N GLY A 59 1.92 3.65 -4.97
CA GLY A 59 2.62 4.61 -5.83
C GLY A 59 3.57 5.49 -5.02
N ILE A 60 3.43 5.47 -3.71
CA ILE A 60 4.19 6.41 -2.89
C ILE A 60 5.66 6.00 -2.80
N CYS A 61 6.55 6.87 -3.27
CA CYS A 61 7.98 6.58 -3.38
C CYS A 61 8.28 5.38 -4.28
N ALA A 62 7.39 5.09 -5.22
CA ALA A 62 7.68 4.05 -6.21
C ALA A 62 8.11 4.68 -7.54
N PHE A 63 8.81 3.90 -8.36
CA PHE A 63 9.16 4.32 -9.72
C PHE A 63 8.85 3.21 -10.68
N ARG A 64 8.56 3.60 -11.91
CA ARG A 64 8.38 2.68 -13.00
C ARG A 64 9.20 3.21 -14.18
N GLY A 65 9.86 2.31 -14.90
CA GLY A 65 10.66 2.75 -16.04
C GLY A 65 11.49 1.63 -16.64
N LYS A 66 12.66 1.99 -17.17
CA LYS A 66 13.57 1.02 -17.79
C LYS A 66 15.02 1.36 -17.48
N VAL A 67 15.81 0.34 -17.13
CA VAL A 67 17.24 0.54 -16.93
C VAL A 67 17.84 0.81 -18.30
N THR A 68 18.74 1.78 -18.38
CA THR A 68 19.40 2.03 -19.65
C THR A 68 20.75 1.33 -19.69
N GLN A 69 21.60 1.56 -18.69
CA GLN A 69 22.94 0.98 -18.63
C GLN A 69 23.49 1.09 -17.22
N GLN A 70 24.51 0.30 -16.93
CA GLN A 70 25.28 0.48 -15.70
C GLN A 70 26.10 1.75 -15.90
N VAL A 71 26.26 2.52 -14.83
CA VAL A 71 27.01 3.78 -14.86
C VAL A 71 28.05 3.88 -13.75
N GLN A 72 29.07 4.70 -13.98
CA GLN A 72 30.08 4.93 -12.97
C GLN A 72 29.57 5.95 -11.96
N ASP A 73 29.92 5.73 -10.70
CA ASP A 73 29.62 6.67 -9.64
C ASP A 73 30.66 6.49 -8.54
N GLU A 74 31.05 7.60 -7.91
CA GLU A 74 32.08 7.60 -6.86
C GLU A 74 31.75 6.70 -5.66
N HIS A 75 30.47 6.58 -5.34
CA HIS A 75 30.07 5.92 -4.10
C HIS A 75 29.97 4.40 -4.22
N ARG A 76 30.03 3.74 -3.07
CA ARG A 76 30.09 2.28 -2.98
C ARG A 76 28.88 1.60 -3.60
N GLY A 77 29.13 0.48 -4.28
CA GLY A 77 28.05 -0.20 -4.97
C GLY A 77 28.16 -0.17 -6.48
N THR A 78 27.18 -0.79 -7.10
CA THR A 78 27.08 -0.88 -8.55
C THR A 78 25.92 0.02 -8.90
N HIS A 79 26.13 0.89 -9.88
CA HIS A 79 25.14 1.92 -10.18
C HIS A 79 24.50 1.75 -11.54
N TRP A 80 23.24 2.14 -11.62
CA TRP A 80 22.42 1.92 -12.81
C TRP A 80 21.58 3.13 -13.09
N ASN A 81 21.54 3.57 -14.34
CA ASN A 81 20.65 4.64 -14.73
C ASN A 81 19.33 4.06 -15.20
N MET A 82 18.22 4.67 -14.78
CA MET A 82 16.93 4.20 -15.28
C MET A 82 16.08 5.40 -15.69
N THR A 83 15.51 5.31 -16.88
CA THR A 83 14.52 6.29 -17.27
C THR A 83 13.28 6.01 -16.43
N VAL A 84 12.52 7.05 -16.11
CA VAL A 84 11.27 6.86 -15.38
C VAL A 84 10.08 7.35 -16.21
N THR A 85 8.97 6.62 -16.13
CA THR A 85 7.72 7.03 -16.75
C THR A 85 6.75 7.44 -15.65
N ASN A 86 5.54 7.84 -16.03
CA ASN A 86 4.47 7.92 -15.03
C ASN A 86 4.24 6.53 -14.45
N LEU A 87 3.68 6.45 -13.24
CA LEU A 87 3.42 5.17 -12.62
C LEU A 87 2.49 4.28 -13.48
N ASN A 88 1.63 4.89 -14.29
CA ASN A 88 0.74 4.09 -15.14
C ASN A 88 1.42 3.69 -16.45
N GLY A 89 2.71 3.97 -16.58
CA GLY A 89 3.44 3.53 -17.75
C GLY A 89 3.47 4.50 -18.93
N THR A 90 2.61 5.52 -18.90
CA THR A 90 2.62 6.53 -19.97
C THR A 90 3.87 7.37 -19.81
N PRO A 91 4.36 7.97 -20.90
CA PRO A 91 5.58 8.78 -20.78
C PRO A 91 5.34 9.97 -19.87
N PHE A 92 6.32 10.27 -19.03
CA PHE A 92 6.24 11.45 -18.20
C PHE A 92 6.49 12.65 -19.08
N ASP A 93 5.56 13.60 -19.03
CA ASP A 93 5.66 14.82 -19.80
C ASP A 93 6.21 15.93 -18.91
N PRO A 94 7.48 16.28 -19.10
CA PRO A 94 8.17 17.29 -18.28
C PRO A 94 7.48 18.65 -18.27
N THR A 95 6.58 18.90 -19.22
CA THR A 95 5.91 20.20 -19.29
C THR A 95 4.63 20.22 -18.45
N GLU A 96 4.24 19.07 -17.92
CA GLU A 96 3.12 18.98 -16.99
C GLU A 96 3.41 19.84 -15.77
N ASP A 97 2.37 20.44 -15.18
CA ASP A 97 2.57 21.33 -14.03
C ASP A 97 2.68 20.57 -12.73
N VAL A 98 3.68 19.71 -12.62
CA VAL A 98 3.96 18.99 -11.39
C VAL A 98 5.47 19.10 -11.12
N PRO A 99 5.88 18.88 -9.87
CA PRO A 99 7.31 19.00 -9.56
C PRO A 99 8.14 17.88 -10.18
N ALA A 100 7.50 16.74 -10.43
CA ALA A 100 8.17 15.50 -10.77
C ALA A 100 7.05 14.49 -11.01
N PRO A 101 7.36 13.29 -11.53
CA PRO A 101 6.29 12.29 -11.70
C PRO A 101 5.58 12.04 -10.40
N LEU A 102 4.25 11.89 -10.44
CA LEU A 102 3.54 11.68 -9.18
C LEU A 102 4.06 10.43 -8.48
N GLY A 103 4.21 10.52 -7.16
CA GLY A 103 4.73 9.41 -6.40
C GLY A 103 6.22 9.58 -6.05
N THR A 104 6.93 10.42 -6.80
CA THR A 104 8.35 10.65 -6.54
C THR A 104 8.58 10.98 -5.05
N PRO A 105 9.63 10.38 -4.45
CA PRO A 105 9.96 10.73 -3.06
C PRO A 105 10.10 12.23 -2.84
N ASP A 106 9.66 12.73 -1.69
CA ASP A 106 9.70 14.17 -1.43
C ASP A 106 10.69 14.56 -0.33
N PHE A 107 11.70 13.73 -0.08
CA PHE A 107 12.68 14.07 0.93
C PHE A 107 14.10 13.60 0.56
N SER A 108 15.07 14.20 1.22
CA SER A 108 16.47 13.84 1.05
C SER A 108 16.77 12.58 1.83
N GLY A 109 17.38 11.60 1.18
CA GLY A 109 17.87 10.44 1.90
C GLY A 109 18.22 9.30 0.96
N GLN A 110 18.66 8.18 1.54
CA GLN A 110 18.95 6.98 0.79
C GLN A 110 17.79 6.04 0.91
N ILE A 111 16.94 6.04 -0.11
CA ILE A 111 15.75 5.22 -0.05
C ILE A 111 16.10 3.82 -0.51
N TYR A 112 15.84 2.88 0.39
CA TYR A 112 16.12 1.47 0.21
C TYR A 112 14.89 0.72 -0.26
N GLY A 113 15.05 -0.16 -1.24
CA GLY A 113 13.89 -0.91 -1.69
C GLY A 113 14.34 -2.02 -2.59
N VAL A 114 13.43 -2.46 -3.45
CA VAL A 114 13.77 -3.55 -4.37
C VAL A 114 13.51 -3.10 -5.79
N ILE A 115 14.51 -3.24 -6.64
CA ILE A 115 14.31 -3.09 -8.09
C ILE A 115 13.92 -4.45 -8.65
N SER A 116 12.84 -4.52 -9.44
CA SER A 116 12.50 -5.77 -10.10
C SER A 116 12.28 -5.53 -11.60
N GLN A 117 12.51 -6.58 -12.37
CA GLN A 117 12.39 -6.49 -13.82
C GLN A 117 11.66 -7.66 -14.38
N ARG A 118 10.80 -7.39 -15.35
CA ARG A 118 10.15 -8.45 -16.13
C ARG A 118 10.43 -8.13 -17.59
N ASN A 119 11.20 -8.97 -18.26
CA ASN A 119 11.62 -8.68 -19.62
C ASN A 119 10.46 -8.54 -20.60
N THR A 120 10.66 -7.71 -21.61
CA THR A 120 9.67 -7.51 -22.66
C THR A 120 9.62 -8.72 -23.58
N ASN A 121 10.80 -9.22 -23.91
CA ASN A 121 10.95 -10.34 -24.82
C ASN A 121 10.66 -11.64 -24.09
N THR A 122 9.90 -12.51 -24.74
CA THR A 122 9.57 -13.79 -24.13
C THR A 122 10.33 -14.91 -24.83
N VAL A 123 10.44 -16.06 -24.17
CA VAL A 123 11.15 -17.20 -24.71
C VAL A 123 10.18 -18.33 -25.04
N PRO A 124 10.12 -18.73 -26.32
CA PRO A 124 9.22 -19.78 -26.79
C PRO A 124 9.36 -21.07 -25.98
N GLY A 125 10.60 -21.48 -25.72
CA GLY A 125 10.87 -22.68 -24.94
C GLY A 125 10.42 -22.60 -23.50
N GLU A 126 10.23 -21.38 -22.99
CA GLU A 126 9.75 -21.18 -21.63
C GLU A 126 8.26 -20.92 -21.58
N GLY A 127 7.53 -21.44 -22.57
CA GLY A 127 6.10 -21.25 -22.64
C GLY A 127 5.72 -19.83 -23.04
N ASN A 128 6.60 -19.17 -23.79
CA ASN A 128 6.42 -17.78 -24.20
C ASN A 128 6.30 -16.86 -22.99
N LEU A 129 7.15 -17.14 -22.00
CA LEU A 129 7.21 -16.38 -20.77
C LEU A 129 8.54 -15.62 -20.61
N PRO A 130 8.49 -14.42 -20.03
CA PRO A 130 9.67 -13.57 -19.89
C PRO A 130 10.57 -13.95 -18.69
N ALA A 131 11.87 -13.64 -18.80
CA ALA A 131 12.82 -13.74 -17.70
C ALA A 131 12.67 -12.59 -16.71
N ASN A 132 12.99 -12.84 -15.44
CA ASN A 132 12.81 -11.89 -14.35
C ASN A 132 14.03 -11.83 -13.44
N ARG A 133 14.21 -10.70 -12.75
CA ARG A 133 15.16 -10.64 -11.65
C ARG A 133 14.75 -9.52 -10.73
N ALA A 134 15.12 -9.64 -9.47
CA ALA A 134 14.95 -8.54 -8.54
C ALA A 134 16.16 -8.49 -7.59
N HIS A 135 16.49 -7.27 -7.16
CA HIS A 135 17.61 -7.06 -6.22
C HIS A 135 17.36 -5.86 -5.32
N GLU A 136 17.96 -5.90 -4.14
CA GLU A 136 17.94 -4.71 -3.29
C GLU A 136 18.60 -3.55 -3.99
N ALA A 137 18.06 -2.37 -3.75
CA ALA A 137 18.56 -1.16 -4.40
C ALA A 137 18.42 0.03 -3.49
N VAL A 138 19.25 1.04 -3.74
CA VAL A 138 19.19 2.29 -3.02
C VAL A 138 19.12 3.47 -4.00
N ILE A 139 18.20 4.38 -3.73
CA ILE A 139 18.09 5.63 -4.49
C ILE A 139 18.42 6.81 -3.60
N ALA A 140 19.54 7.45 -3.88
CA ALA A 140 19.96 8.62 -3.11
C ALA A 140 19.28 9.85 -3.71
N THR A 141 18.26 10.36 -3.04
CA THR A 141 17.45 11.42 -3.65
C THR A 141 18.16 12.78 -3.64
N TYR A 142 19.26 12.88 -2.90
CA TYR A 142 20.03 14.14 -2.84
C TYR A 142 21.12 14.17 -3.90
N SER A 143 21.30 13.05 -4.60
CA SER A 143 22.33 12.93 -5.63
C SER A 143 22.06 13.82 -6.85
N PRO A 144 23.13 14.36 -7.46
CA PRO A 144 22.99 15.10 -8.72
C PRO A 144 22.39 14.24 -9.84
N LYS A 145 22.45 12.92 -9.70
CA LYS A 145 21.90 12.02 -10.71
C LYS A 145 20.42 11.73 -10.45
N PHE A 146 19.87 12.25 -9.35
CA PHE A 146 18.45 12.09 -9.10
C PHE A 146 17.70 13.19 -9.83
N THR A 147 17.24 12.89 -11.04
CA THR A 147 16.58 13.92 -11.83
C THR A 147 15.23 13.42 -12.37
N PRO A 148 14.31 13.05 -11.46
CA PRO A 148 13.06 12.46 -11.94
C PRO A 148 12.23 13.41 -12.83
N LYS A 149 12.31 14.71 -12.59
CA LYS A 149 11.58 15.65 -13.46
C LYS A 149 12.15 15.64 -14.90
N LEU A 150 13.41 15.25 -15.06
CA LEU A 150 14.00 15.13 -16.40
C LEU A 150 13.79 13.75 -16.98
N GLY A 151 13.15 12.87 -16.22
CA GLY A 151 12.78 11.56 -16.73
C GLY A 151 13.80 10.45 -16.48
N ASN A 152 14.77 10.69 -15.61
CA ASN A 152 15.66 9.59 -15.27
C ASN A 152 16.29 9.75 -13.90
N ILE A 153 16.57 8.60 -13.28
CA ILE A 153 17.19 8.56 -11.96
C ILE A 153 18.27 7.49 -11.95
N GLN A 154 19.00 7.42 -10.85
CA GLN A 154 20.05 6.43 -10.68
C GLN A 154 19.80 5.64 -9.40
N PHE A 155 20.06 4.34 -9.44
CA PHE A 155 20.00 3.54 -8.21
C PHE A 155 21.25 2.70 -8.10
N SER A 156 21.57 2.29 -6.88
CA SER A 156 22.74 1.45 -6.65
C SER A 156 22.28 0.11 -6.15
N THR A 157 23.07 -0.93 -6.43
CA THR A 157 22.76 -2.26 -5.93
C THR A 157 23.98 -2.86 -5.25
N TRP A 158 23.74 -3.83 -4.37
CA TRP A 158 24.80 -4.70 -3.89
C TRP A 158 25.15 -5.71 -4.98
N GLU A 159 24.13 -6.24 -5.64
CA GLU A 159 24.30 -7.09 -6.82
C GLU A 159 25.22 -6.38 -7.84
N THR A 160 26.19 -7.10 -8.39
CA THR A 160 27.18 -6.44 -9.25
C THR A 160 26.89 -6.56 -10.76
N GLN A 161 26.01 -7.47 -11.15
CA GLN A 161 25.88 -7.73 -12.59
C GLN A 161 24.45 -8.00 -13.09
N ASP A 162 23.62 -8.62 -12.25
CA ASP A 162 22.35 -9.18 -12.71
C ASP A 162 21.22 -8.15 -12.77
N VAL A 163 21.47 -7.04 -13.46
CA VAL A 163 20.45 -6.05 -13.74
C VAL A 163 20.49 -5.84 -15.26
N SER A 164 19.36 -6.02 -15.93
CA SER A 164 19.39 -6.02 -17.40
C SER A 164 19.12 -4.65 -18.02
N SER A 165 19.85 -4.33 -19.07
CA SER A 165 19.62 -3.08 -19.76
C SER A 165 18.37 -3.17 -20.60
N GLY A 166 17.65 -2.06 -20.67
CA GLY A 166 16.52 -1.92 -21.57
C GLY A 166 15.28 -2.71 -21.23
N GLN A 167 15.15 -3.15 -19.98
CA GLN A 167 14.01 -3.96 -19.59
C GLN A 167 13.11 -3.24 -18.58
N PRO A 168 11.78 -3.48 -18.67
CA PRO A 168 10.84 -2.84 -17.75
C PRO A 168 11.22 -3.04 -16.30
N THR A 169 11.28 -1.95 -15.56
CA THR A 169 11.84 -1.97 -14.21
C THR A 169 10.92 -1.26 -13.23
N LYS A 170 10.79 -1.84 -12.05
CA LYS A 170 9.93 -1.34 -11.00
C LYS A 170 10.76 -1.15 -9.76
N PHE A 171 10.59 -0.03 -9.07
CA PHE A 171 11.16 0.14 -7.74
C PHE A 171 10.05 0.11 -6.70
N THR A 172 10.16 -0.87 -5.79
CA THR A 172 9.29 -0.99 -4.63
C THR A 172 10.03 -0.48 -3.40
N PRO A 173 9.57 0.64 -2.82
CA PRO A 173 10.25 1.19 -1.64
C PRO A 173 10.10 0.29 -0.41
N VAL A 174 11.11 0.25 0.45
CA VAL A 174 10.98 -0.54 1.67
C VAL A 174 11.34 0.28 2.90
N GLY A 175 12.38 1.09 2.80
CA GLY A 175 12.78 1.88 3.95
C GLY A 175 13.92 2.80 3.57
N LEU A 176 14.84 3.02 4.51
CA LEU A 176 16.05 3.82 4.28
C LEU A 176 17.27 2.92 4.34
N ALA A 177 18.32 3.26 3.60
CA ALA A 177 19.54 2.46 3.66
C ALA A 177 20.29 2.70 4.97
N SER A 178 20.26 3.94 5.42
CA SER A 178 21.08 4.43 6.52
C SER A 178 20.50 5.78 6.93
N VAL A 179 20.73 6.17 8.17
CA VAL A 179 20.53 7.57 8.56
C VAL A 179 21.80 8.14 9.18
N ASP A 180 22.94 7.57 8.84
CA ASP A 180 24.22 8.14 9.30
C ASP A 180 24.32 9.55 8.71
N ALA A 181 25.18 10.38 9.28
CA ALA A 181 25.35 11.76 8.79
C ALA A 181 25.64 11.79 7.28
N ASN A 182 26.44 10.84 6.84
N ASN A 182 26.44 10.85 6.82
CA ASN A 182 26.85 10.77 5.44
CA ASN A 182 26.82 10.85 5.40
C ASN A 182 25.75 10.32 4.48
C ASN A 182 25.77 10.26 4.48
N SER A 183 24.60 9.95 5.02
CA SER A 183 23.50 9.46 4.19
C SER A 183 22.41 10.52 3.99
N HIS A 184 22.63 11.71 4.60
CA HIS A 184 21.80 12.89 4.33
C HIS A 184 20.29 12.70 4.39
N PHE A 185 19.84 12.02 5.44
CA PHE A 185 18.41 11.92 5.64
C PHE A 185 17.87 13.18 6.30
N ASP A 186 16.95 13.84 5.61
CA ASP A 186 16.24 14.98 6.19
C ASP A 186 14.86 15.03 5.57
N GLN A 187 13.85 14.70 6.36
CA GLN A 187 12.52 14.52 5.79
C GLN A 187 11.91 15.82 5.30
N TRP A 188 12.45 16.97 5.70
CA TRP A 188 11.91 18.25 5.23
C TRP A 188 12.77 18.88 4.14
N THR A 189 13.86 18.23 3.75
CA THR A 189 14.65 18.77 2.64
C THR A 189 14.18 18.15 1.34
N LEU A 190 13.67 18.97 0.42
CA LEU A 190 13.19 18.43 -0.84
C LEU A 190 14.35 18.02 -1.74
N PRO A 191 14.16 16.96 -2.54
CA PRO A 191 15.12 16.72 -3.62
C PRO A 191 15.09 17.87 -4.59
N SER A 192 16.18 18.03 -5.33
CA SER A 192 16.20 18.88 -6.51
C SER A 192 15.73 18.02 -7.67
N TYR A 193 14.46 18.15 -8.03
CA TYR A 193 13.84 17.21 -8.96
C TYR A 193 14.45 17.22 -10.36
N SER A 194 15.04 18.35 -10.75
CA SER A 194 15.70 18.44 -12.06
C SER A 194 17.23 18.48 -11.96
N GLY A 195 17.74 18.20 -10.77
CA GLY A 195 19.18 18.19 -10.58
C GLY A 195 19.74 19.38 -9.86
N ALA A 196 21.02 19.29 -9.52
CA ALA A 196 21.67 20.28 -8.69
C ALA A 196 21.63 21.62 -9.41
N LEU A 197 21.45 22.68 -8.63
CA LEU A 197 21.43 24.05 -9.13
C LEU A 197 20.15 24.43 -9.88
N THR A 198 19.16 23.54 -9.98
CA THR A 198 17.92 23.92 -10.65
C THR A 198 16.81 24.17 -9.63
N LEU A 199 15.95 25.14 -9.93
CA LEU A 199 14.83 25.46 -9.06
C LEU A 199 13.67 24.48 -9.22
N ASN A 200 13.19 23.90 -8.12
CA ASN A 200 11.97 23.11 -8.15
C ASN A 200 10.79 23.99 -8.52
N MET A 201 9.77 23.40 -9.15
CA MET A 201 8.62 24.16 -9.65
C MET A 201 7.31 23.43 -9.33
N ASN A 202 6.19 24.16 -9.40
CA ASN A 202 4.87 23.56 -9.20
C ASN A 202 4.69 22.91 -7.84
N LEU A 203 5.36 23.45 -6.83
CA LEU A 203 5.34 22.84 -5.52
C LEU A 203 4.02 23.07 -4.80
N ALA A 204 3.58 22.09 -4.02
CA ALA A 204 2.56 22.36 -3.00
C ALA A 204 3.18 23.35 -2.02
N PRO A 205 2.37 24.28 -1.50
CA PRO A 205 2.93 25.36 -0.66
C PRO A 205 3.41 24.89 0.70
N SER A 206 4.28 25.67 1.33
CA SER A 206 4.72 25.36 2.68
C SER A 206 3.52 25.48 3.61
N VAL A 207 3.57 24.80 4.76
CA VAL A 207 2.51 24.88 5.75
C VAL A 207 3.08 25.30 7.10
N ALA A 208 2.28 26.02 7.88
CA ALA A 208 2.73 26.54 9.17
C ALA A 208 1.55 26.99 10.00
N PRO A 209 1.68 26.94 11.34
CA PRO A 209 0.63 27.53 12.17
C PRO A 209 0.65 29.04 12.00
N VAL A 210 -0.50 29.69 12.12
CA VAL A 210 -0.53 31.15 12.00
C VAL A 210 -1.01 31.80 13.30
N PHE A 211 -1.42 30.95 14.24
CA PHE A 211 -2.08 31.40 15.46
C PHE A 211 -1.14 31.12 16.62
N PRO A 212 -1.01 32.08 17.56
CA PRO A 212 -0.06 31.91 18.65
C PRO A 212 -0.37 30.70 19.52
N GLY A 213 0.67 29.94 19.87
CA GLY A 213 0.52 28.79 20.72
C GLY A 213 0.21 27.52 19.95
N GLU A 214 -0.01 27.65 18.65
CA GLU A 214 -0.32 26.48 17.84
C GLU A 214 0.91 25.91 17.16
N CYS A 215 0.84 24.62 16.88
CA CYS A 215 1.90 23.94 16.18
C CYS A 215 1.28 22.93 15.24
N LEU A 216 2.04 22.52 14.23
CA LEU A 216 1.60 21.46 13.33
C LEU A 216 1.38 20.17 14.09
N LEU A 217 0.39 19.39 13.66
CA LEU A 217 0.18 18.05 14.16
C LEU A 217 0.41 17.06 13.02
N PHE A 218 1.27 16.07 13.24
CA PHE A 218 1.65 15.14 12.18
C PHE A 218 1.13 13.73 12.44
N PHE A 219 0.92 12.97 11.37
CA PHE A 219 0.74 11.54 11.49
C PHE A 219 2.09 10.90 11.25
N ARG A 220 2.67 10.31 12.29
CA ARG A 220 4.04 9.81 12.21
C ARG A 220 4.14 8.29 12.02
N SER A 221 5.07 7.87 11.15
CA SER A 221 5.39 6.46 10.95
C SER A 221 6.89 6.26 11.11
N PHE A 222 7.27 5.14 11.69
CA PHE A 222 8.69 4.80 11.78
C PHE A 222 9.07 3.96 10.56
N ILE A 223 10.22 4.28 9.98
CA ILE A 223 10.59 3.71 8.69
C ILE A 223 11.75 2.73 8.88
N PRO A 224 11.68 1.57 8.21
CA PRO A 224 12.70 0.53 8.39
C PRO A 224 14.07 0.99 7.89
N LEU A 225 15.11 0.36 8.42
CA LEU A 225 16.48 0.61 8.03
C LEU A 225 17.17 -0.66 7.56
N LYS A 226 17.91 -0.55 6.45
CA LYS A 226 18.76 -1.64 5.97
C LYS A 226 19.88 -1.93 6.98
N GLY A 227 20.41 -0.89 7.61
CA GLY A 227 21.48 -1.10 8.57
C GLY A 227 21.79 0.13 9.37
N GLY A 228 22.66 -0.04 10.36
CA GLY A 228 23.13 1.05 11.17
C GLY A 228 22.20 1.40 12.32
N TYR A 229 22.55 2.46 13.04
CA TYR A 229 21.77 2.85 14.19
C TYR A 229 20.74 3.88 13.79
N GLY A 230 19.62 3.90 14.49
CA GLY A 230 18.64 4.93 14.27
C GLY A 230 17.20 4.47 14.48
N ASN A 231 16.32 5.43 14.65
CA ASN A 231 14.89 5.14 14.69
C ASN A 231 14.17 6.18 13.84
N PRO A 232 14.49 6.21 12.53
CA PRO A 232 13.96 7.30 11.71
C PRO A 232 12.44 7.26 11.57
N ALA A 233 11.87 8.45 11.43
CA ALA A 233 10.43 8.63 11.29
C ALA A 233 10.13 9.52 10.10
N ILE A 234 8.95 9.29 9.55
CA ILE A 234 8.39 10.13 8.49
C ILE A 234 7.03 10.66 8.96
N ASP A 235 6.91 11.98 8.92
CA ASP A 235 5.71 12.69 9.36
C ASP A 235 4.90 13.18 8.17
N CYS A 236 3.63 12.77 8.05
CA CYS A 236 2.80 13.32 6.97
C CYS A 236 1.70 14.22 7.53
N LEU A 237 1.22 15.13 6.71
CA LEU A 237 0.26 16.15 7.13
C LEU A 237 -1.14 15.53 7.29
N MET A 238 -1.44 14.57 6.42
CA MET A 238 -2.69 13.80 6.47
C MET A 238 -2.36 12.41 5.98
N PRO A 239 -3.03 11.39 6.53
CA PRO A 239 -2.79 10.03 6.03
C PRO A 239 -3.33 9.85 4.62
N GLN A 240 -2.87 8.80 3.94
CA GLN A 240 -3.27 8.56 2.57
C GLN A 240 -4.78 8.37 2.42
N GLU A 241 -5.43 7.75 3.40
CA GLU A 241 -6.89 7.57 3.36
C GLU A 241 -7.63 8.91 3.42
N TRP A 242 -7.02 9.93 4.03
CA TRP A 242 -7.66 11.24 4.01
C TRP A 242 -7.55 11.85 2.63
N VAL A 243 -6.36 11.74 2.01
CA VAL A 243 -6.18 12.16 0.62
C VAL A 243 -7.22 11.50 -0.26
N GLN A 244 -7.36 10.19 -0.12
CA GLN A 244 -8.30 9.46 -0.96
C GLN A 244 -9.75 9.88 -0.70
N HIS A 245 -10.09 10.12 0.56
CA HIS A 245 -11.44 10.53 0.92
C HIS A 245 -11.76 11.93 0.38
N LEU A 246 -10.88 12.88 0.66
CA LEU A 246 -11.10 14.27 0.24
C LEU A 246 -11.24 14.36 -1.28
N TYR A 247 -10.39 13.62 -1.98
CA TYR A 247 -10.46 13.55 -3.43
C TYR A 247 -11.83 13.04 -3.91
N GLN A 248 -12.33 11.96 -3.27
CA GLN A 248 -13.65 11.39 -3.61
C GLN A 248 -14.77 12.39 -3.38
N GLU A 249 -14.77 13.00 -2.20
CA GLU A 249 -15.91 13.80 -1.79
C GLU A 249 -15.98 15.14 -2.51
N SER A 250 -14.83 15.78 -2.64
CA SER A 250 -14.72 17.13 -3.20
C SER A 250 -15.75 18.09 -2.61
N ALA A 251 -15.89 18.07 -1.29
CA ALA A 251 -16.82 18.95 -0.61
C ALA A 251 -16.27 20.38 -0.58
N PRO A 252 -17.11 21.36 -0.94
CA PRO A 252 -16.67 22.75 -0.91
C PRO A 252 -16.18 23.16 0.48
N SER A 253 -15.08 23.89 0.52
CA SER A 253 -14.58 24.39 1.79
C SER A 253 -15.32 25.68 2.11
N LEU A 254 -15.98 25.73 3.26
CA LEU A 254 -16.86 26.86 3.56
C LEU A 254 -16.13 27.94 4.36
N SER A 255 -14.94 27.62 4.86
CA SER A 255 -14.04 28.65 5.40
C SER A 255 -12.60 28.19 5.19
N ASP A 256 -11.65 28.91 5.77
CA ASP A 256 -10.26 28.55 5.61
C ASP A 256 -9.82 27.50 6.61
N VAL A 257 -10.68 27.24 7.60
CA VAL A 257 -10.31 26.37 8.71
C VAL A 257 -11.49 25.59 9.24
N ALA A 258 -11.37 24.26 9.28
CA ALA A 258 -12.38 23.42 9.91
C ALA A 258 -11.99 23.04 11.33
N LEU A 259 -12.95 23.12 12.24
CA LEU A 259 -12.74 22.61 13.58
C LEU A 259 -13.00 21.12 13.60
N VAL A 260 -12.02 20.35 14.06
CA VAL A 260 -12.20 18.91 14.18
C VAL A 260 -11.92 18.47 15.61
N ARG A 261 -12.57 17.40 16.03
N ARG A 261 -12.57 17.40 16.03
CA ARG A 261 -12.36 16.86 17.37
CA ARG A 261 -12.33 16.88 17.37
C ARG A 261 -11.80 15.45 17.29
C ARG A 261 -11.81 15.46 17.30
N TYR A 262 -10.80 15.17 18.09
CA TYR A 262 -10.28 13.83 18.19
C TYR A 262 -11.10 13.12 19.25
N VAL A 263 -11.88 12.12 18.85
CA VAL A 263 -12.84 11.55 19.79
C VAL A 263 -12.54 10.10 20.10
N ASN A 264 -12.81 9.74 21.36
CA ASN A 264 -12.86 8.35 21.78
C ASN A 264 -14.29 7.89 21.61
N PRO A 265 -14.54 7.07 20.60
CA PRO A 265 -15.93 6.67 20.28
C PRO A 265 -16.56 5.78 21.35
N GLU A 266 -15.75 4.98 22.05
CA GLU A 266 -16.27 4.08 23.07
C GLU A 266 -16.86 4.84 24.24
N THR A 267 -16.48 6.11 24.36
CA THR A 267 -16.96 6.97 25.43
C THR A 267 -17.64 8.21 24.87
N GLY A 268 -17.36 8.50 23.60
CA GLY A 268 -17.93 9.66 22.93
C GLY A 268 -17.26 10.96 23.32
N ARG A 269 -16.23 10.87 24.18
CA ARG A 269 -15.57 12.07 24.68
C ARG A 269 -14.51 12.61 23.72
N THR A 270 -14.40 13.93 23.69
CA THR A 270 -13.37 14.61 22.93
C THR A 270 -12.05 14.57 23.70
N LEU A 271 -11.02 14.02 23.07
CA LEU A 271 -9.70 13.94 23.69
C LEU A 271 -8.96 15.26 23.52
N PHE A 272 -9.07 15.86 22.35
CA PHE A 272 -8.56 17.21 22.10
C PHE A 272 -9.19 17.74 20.82
N GLU A 273 -9.04 19.03 20.55
CA GLU A 273 -9.51 19.56 19.27
C GLU A 273 -8.35 20.13 18.46
N ALA A 274 -8.58 20.27 17.16
CA ALA A 274 -7.53 20.71 16.23
C ALA A 274 -8.14 21.55 15.13
N LYS A 275 -7.32 22.36 14.49
CA LYS A 275 -7.74 23.06 13.28
C LYS A 275 -7.31 22.26 12.05
N LEU A 276 -8.25 22.00 11.16
CA LEU A 276 -7.89 21.39 9.88
C LEU A 276 -7.97 22.47 8.82
N HIS A 277 -6.82 22.86 8.30
CA HIS A 277 -6.70 24.01 7.41
C HIS A 277 -7.00 23.65 5.97
N ARG A 278 -7.55 24.62 5.24
CA ARG A 278 -7.98 24.46 3.85
C ARG A 278 -6.97 23.75 2.96
N ASN A 279 -5.70 24.06 3.15
CA ASN A 279 -4.66 23.52 2.30
C ASN A 279 -4.28 22.08 2.65
N GLY A 280 -4.85 21.58 3.74
CA GLY A 280 -4.72 20.16 4.07
C GLY A 280 -3.68 19.86 5.12
N PHE A 281 -3.83 20.44 6.30
CA PHE A 281 -2.91 20.15 7.40
C PHE A 281 -3.55 20.53 8.71
N LEU A 282 -3.02 19.97 9.80
CA LEU A 282 -3.62 20.17 11.13
C LEU A 282 -2.76 21.02 12.04
N THR A 283 -3.38 21.86 12.85
CA THR A 283 -2.66 22.45 13.97
C THR A 283 -3.38 22.19 15.29
N VAL A 284 -2.62 22.21 16.38
CA VAL A 284 -3.18 22.04 17.72
C VAL A 284 -2.55 23.06 18.65
N ALA A 285 -3.22 23.31 19.77
CA ALA A 285 -2.67 24.18 20.81
C ALA A 285 -1.90 23.31 21.79
N ARG A 286 -0.60 23.13 21.52
CA ARG A 286 0.29 22.34 22.36
C ARG A 286 1.67 22.99 22.40
N ASN A 287 2.34 22.97 23.55
CA ASN A 287 3.65 23.59 23.60
C ASN A 287 4.77 22.60 23.92
N SER A 288 4.58 21.35 23.50
CA SER A 288 5.59 20.32 23.72
C SER A 288 5.79 19.53 22.43
N ALA A 289 6.94 18.88 22.34
CA ALA A 289 7.24 18.01 21.21
C ALA A 289 7.09 16.57 21.65
N GLY A 290 6.76 15.69 20.71
CA GLY A 290 6.70 14.29 21.02
C GLY A 290 5.38 13.67 20.62
N PRO A 291 5.24 12.39 20.93
CA PRO A 291 3.99 11.70 20.60
C PRO A 291 2.80 12.28 21.36
N VAL A 292 1.64 12.13 20.73
CA VAL A 292 0.36 12.33 21.39
C VAL A 292 -0.08 10.97 21.92
N VAL A 293 -0.15 10.82 23.24
CA VAL A 293 -0.53 9.53 23.83
C VAL A 293 -2.03 9.47 23.94
N ALA A 294 -2.68 8.67 23.10
CA ALA A 294 -4.13 8.68 23.04
C ALA A 294 -4.69 7.29 22.89
N PRO A 295 -5.92 7.07 23.40
CA PRO A 295 -6.54 5.75 23.29
C PRO A 295 -6.51 5.28 21.84
N THR A 296 -6.40 3.97 21.67
CA THR A 296 -6.24 3.38 20.34
C THR A 296 -7.52 3.51 19.49
N ASN A 297 -8.67 3.71 20.13
CA ASN A 297 -9.91 3.76 19.39
C ASN A 297 -10.17 5.15 18.76
N GLY A 298 -9.23 6.08 18.92
CA GLY A 298 -9.47 7.47 18.57
C GLY A 298 -9.47 7.85 17.10
N TYR A 299 -10.29 8.84 16.74
CA TYR A 299 -10.30 9.37 15.37
C TYR A 299 -10.82 10.81 15.32
N PHE A 300 -10.48 11.51 14.24
CA PHE A 300 -10.94 12.89 14.07
C PHE A 300 -12.35 12.92 13.49
N ARG A 301 -13.16 13.83 14.01
CA ARG A 301 -14.51 14.04 13.52
C ARG A 301 -14.66 15.52 13.18
N PHE A 302 -15.19 15.82 11.99
CA PHE A 302 -15.48 17.21 11.64
C PHE A 302 -16.56 17.76 12.55
N ASP A 303 -16.32 18.95 13.09
CA ASP A 303 -17.29 19.59 13.97
C ASP A 303 -17.99 20.75 13.27
N SER A 304 -17.21 21.69 12.75
CA SER A 304 -17.76 22.91 12.14
C SER A 304 -16.66 23.68 11.41
N TRP A 305 -17.08 24.55 10.48
CA TRP A 305 -16.17 25.50 9.88
C TRP A 305 -16.03 26.69 10.79
N VAL A 306 -14.80 27.10 11.06
CA VAL A 306 -14.59 28.24 11.94
C VAL A 306 -13.74 29.26 11.19
N ASN A 307 -13.08 30.16 11.90
CA ASN A 307 -12.25 31.13 11.22
C ASN A 307 -10.91 31.36 11.90
N GLN A 308 -10.15 32.32 11.38
CA GLN A 308 -8.81 32.62 11.88
C GLN A 308 -8.80 33.06 13.35
N PHE A 309 -9.95 33.50 13.84
CA PHE A 309 -10.02 34.01 15.21
C PHE A 309 -10.39 32.95 16.24
N TYR A 310 -10.66 31.72 15.79
CA TYR A 310 -11.04 30.66 16.72
C TYR A 310 -9.86 30.25 17.62
N THR A 311 -10.10 30.17 18.92
CA THR A 311 -9.09 29.73 19.88
C THR A 311 -9.28 28.26 20.27
N LEU A 312 -8.30 27.40 19.97
CA LEU A 312 -8.39 26.00 20.31
C LEU A 312 -8.22 25.77 21.82
N ALA A 313 -8.98 24.84 22.37
CA ALA A 313 -8.71 24.35 23.71
C ALA A 313 -7.31 23.73 23.75
N PRO A 314 -6.47 24.13 24.72
CA PRO A 314 -5.14 23.54 24.92
C PRO A 314 -5.22 22.02 25.04
N MET A 315 -4.27 21.31 24.43
CA MET A 315 -4.31 19.84 24.47
C MET A 315 -4.03 19.31 25.88
N SER B 1 -33.02 4.08 4.79
CA SER B 1 -32.02 3.12 4.34
C SER B 1 -30.91 3.78 3.54
N LYS B 2 -29.73 3.80 4.13
CA LYS B 2 -28.57 4.44 3.52
C LYS B 2 -28.23 3.86 2.14
N PRO B 3 -28.28 4.70 1.11
CA PRO B 3 -28.06 4.24 -0.27
C PRO B 3 -26.66 3.64 -0.47
N PHE B 4 -26.64 2.50 -1.13
CA PHE B 4 -25.40 1.82 -1.46
C PHE B 4 -24.62 2.59 -2.52
N THR B 5 -23.30 2.65 -2.36
CA THR B 5 -22.43 3.31 -3.32
C THR B 5 -21.09 2.60 -3.45
N LEU B 6 -20.45 2.83 -4.59
CA LEU B 6 -19.07 2.42 -4.82
C LEU B 6 -18.22 3.68 -4.94
N PRO B 7 -16.92 3.61 -4.61
CA PRO B 7 -16.10 4.81 -4.81
C PRO B 7 -15.98 5.16 -6.29
N ILE B 8 -15.69 6.42 -6.63
CA ILE B 8 -15.46 6.78 -8.03
C ILE B 8 -13.97 6.76 -8.33
N LEU B 9 -13.48 5.58 -8.67
CA LEU B 9 -12.06 5.36 -8.88
C LEU B 9 -11.87 4.56 -10.14
N THR B 10 -11.03 5.06 -11.03
CA THR B 10 -10.71 4.33 -12.24
C THR B 10 -9.80 3.17 -11.88
N LEU B 11 -9.63 2.23 -12.80
CA LEU B 11 -8.71 1.13 -12.58
C LEU B 11 -7.32 1.62 -12.21
N GLY B 12 -6.93 2.77 -12.76
CA GLY B 12 -5.61 3.29 -12.52
C GLY B 12 -5.51 3.99 -11.18
N GLU B 13 -6.61 3.98 -10.44
CA GLU B 13 -6.65 4.57 -9.07
C GLU B 13 -6.98 3.51 -8.01
N LEU B 14 -6.87 2.24 -8.39
CA LEU B 14 -7.22 1.14 -7.48
C LEU B 14 -6.02 0.26 -7.20
N THR B 15 -6.00 -0.37 -6.04
CA THR B 15 -4.95 -1.33 -5.70
C THR B 15 -5.53 -2.68 -5.34
N ASN B 16 -4.68 -3.70 -5.43
CA ASN B 16 -5.07 -5.06 -5.16
C ASN B 16 -5.28 -5.28 -3.65
N SER B 17 -6.29 -6.05 -3.31
CA SER B 17 -6.55 -6.36 -1.92
C SER B 17 -5.84 -7.65 -1.46
N ARG B 18 -5.21 -8.37 -2.39
CA ARG B 18 -4.52 -9.61 -2.01
C ARG B 18 -2.99 -9.53 -2.03
N PHE B 19 -2.45 -8.45 -2.58
CA PHE B 19 -1.00 -8.19 -2.59
C PHE B 19 -0.81 -6.70 -2.84
N PRO B 20 0.25 -6.08 -2.28
CA PRO B 20 0.38 -4.62 -2.47
C PRO B 20 0.81 -4.23 -3.87
N LEU B 21 -0.15 -4.18 -4.78
CA LEU B 21 0.07 -3.94 -6.21
C LEU B 21 -1.04 -3.06 -6.74
N PRO B 22 -0.75 -2.23 -7.74
CA PRO B 22 -1.81 -1.52 -8.43
C PRO B 22 -2.65 -2.50 -9.23
N ILE B 23 -3.91 -2.19 -9.46
CA ILE B 23 -4.73 -2.95 -10.41
C ILE B 23 -4.26 -2.65 -11.84
N ASP B 24 -3.99 -3.71 -12.59
CA ASP B 24 -3.53 -3.57 -13.96
C ASP B 24 -4.67 -3.68 -14.97
N VAL B 25 -5.53 -4.68 -14.80
CA VAL B 25 -6.60 -4.91 -15.78
C VAL B 25 -7.76 -5.61 -15.11
N LEU B 26 -8.96 -5.51 -15.69
CA LEU B 26 -10.04 -6.41 -15.32
C LEU B 26 -9.84 -7.71 -16.08
N TYR B 27 -10.28 -8.83 -15.51
CA TYR B 27 -9.91 -10.13 -16.04
C TYR B 27 -10.97 -11.19 -15.77
N THR B 28 -11.20 -12.05 -16.76
CA THR B 28 -12.08 -13.20 -16.57
C THR B 28 -11.37 -14.49 -16.94
N ASN B 29 -11.83 -15.60 -16.38
CA ASN B 29 -11.35 -16.93 -16.76
C ASN B 29 -12.44 -17.96 -16.47
N PRO B 30 -13.40 -18.11 -17.37
CA PRO B 30 -14.57 -18.96 -17.14
C PRO B 30 -14.22 -20.43 -16.91
N ASN B 31 -13.10 -20.89 -17.46
CA ASN B 31 -12.77 -22.30 -17.37
C ASN B 31 -11.91 -22.66 -16.15
N GLU B 32 -11.77 -21.69 -15.24
CA GLU B 32 -11.07 -21.92 -13.97
C GLU B 32 -11.63 -23.14 -13.27
N SER B 33 -10.78 -24.11 -12.96
CA SER B 33 -11.23 -25.35 -12.36
C SER B 33 -11.24 -25.27 -10.82
N ALA B 34 -10.46 -24.35 -10.27
CA ALA B 34 -10.31 -24.25 -8.82
C ALA B 34 -11.49 -23.60 -8.11
N ILE B 35 -11.70 -23.98 -6.85
CA ILE B 35 -12.63 -23.27 -6.00
C ILE B 35 -12.01 -21.92 -5.61
N VAL B 36 -12.72 -20.84 -5.85
CA VAL B 36 -12.20 -19.52 -5.53
C VAL B 36 -12.66 -19.17 -4.11
N GLN B 37 -11.70 -19.11 -3.18
CA GLN B 37 -12.03 -18.85 -1.79
C GLN B 37 -10.88 -18.12 -1.11
N CYS B 38 -10.44 -17.04 -1.75
CA CYS B 38 -9.39 -16.23 -1.17
C CYS B 38 -9.88 -15.58 0.11
N GLN B 39 -8.94 -15.16 0.96
CA GLN B 39 -9.30 -14.73 2.29
C GLN B 39 -8.95 -13.26 2.54
N ASN B 40 -8.10 -12.70 1.69
CA ASN B 40 -7.88 -11.27 1.69
C ASN B 40 -8.74 -10.59 0.62
N GLY B 41 -9.05 -9.32 0.84
CA GLY B 41 -9.97 -8.63 -0.05
C GLY B 41 -11.38 -9.20 0.01
N ARG B 42 -11.79 -9.62 1.21
CA ARG B 42 -13.12 -10.17 1.41
C ARG B 42 -13.92 -9.24 2.32
N CYS B 43 -15.03 -8.76 1.79
CA CYS B 43 -15.88 -7.82 2.49
C CYS B 43 -17.30 -7.90 1.93
N THR B 44 -18.31 -8.03 2.79
CA THR B 44 -19.70 -8.05 2.33
C THR B 44 -20.07 -6.65 1.85
N LEU B 45 -21.17 -6.52 1.11
CA LEU B 45 -21.55 -5.22 0.58
C LEU B 45 -22.01 -4.29 1.70
N ASP B 46 -22.44 -4.84 2.83
CA ASP B 46 -22.82 -3.95 3.93
C ASP B 46 -21.66 -3.75 4.91
N GLY B 47 -20.44 -4.10 4.49
CA GLY B 47 -19.23 -3.62 5.17
C GLY B 47 -18.60 -4.54 6.21
N GLU B 48 -18.94 -5.82 6.17
CA GLU B 48 -18.39 -6.77 7.12
C GLU B 48 -17.13 -7.40 6.53
N LEU B 49 -15.98 -7.08 7.11
CA LEU B 49 -14.72 -7.70 6.68
C LEU B 49 -14.76 -9.19 6.98
N GLN B 50 -14.25 -10.02 6.08
CA GLN B 50 -14.24 -11.46 6.35
C GLN B 50 -12.86 -12.08 6.08
N GLY B 51 -12.70 -13.35 6.43
CA GLY B 51 -11.44 -14.04 6.22
C GLY B 51 -10.33 -13.37 7.01
N THR B 52 -9.20 -13.12 6.36
CA THR B 52 -8.07 -12.47 7.03
C THR B 52 -8.00 -11.01 6.63
N THR B 53 -9.09 -10.47 6.13
CA THR B 53 -9.06 -9.13 5.55
C THR B 53 -8.97 -8.04 6.62
N GLN B 54 -8.06 -7.09 6.41
CA GLN B 54 -7.99 -5.89 7.22
C GLN B 54 -7.83 -4.67 6.31
N LEU B 55 -7.86 -3.48 6.88
CA LEU B 55 -8.03 -2.26 6.08
C LEU B 55 -6.75 -1.67 5.51
N LEU B 56 -5.61 -1.95 6.13
CA LEU B 56 -4.36 -1.26 5.74
C LEU B 56 -3.79 -1.86 4.48
N PRO B 57 -3.51 -1.02 3.48
CA PRO B 57 -2.79 -1.52 2.29
C PRO B 57 -1.41 -2.07 2.65
N THR B 58 -0.80 -1.53 3.69
CA THR B 58 0.50 -1.99 4.18
C THR B 58 0.42 -3.31 4.96
N GLY B 59 -0.79 -3.77 5.28
CA GLY B 59 -0.96 -4.97 6.07
C GLY B 59 -1.11 -6.22 5.22
N ILE B 60 -1.31 -6.03 3.93
CA ILE B 60 -1.64 -7.16 3.07
C ILE B 60 -0.38 -7.99 2.81
N CYS B 61 -0.42 -9.26 3.19
CA CYS B 61 0.75 -10.16 3.13
C CYS B 61 1.94 -9.66 3.96
N ALA B 62 1.67 -8.86 4.98
CA ALA B 62 2.72 -8.44 5.91
C ALA B 62 2.69 -9.28 7.19
N PHE B 63 3.83 -9.32 7.87
CA PHE B 63 3.92 -9.96 9.18
C PHE B 63 4.69 -9.07 10.14
N ARG B 64 4.36 -9.22 11.41
CA ARG B 64 5.08 -8.60 12.49
C ARG B 64 5.32 -9.66 13.56
N GLY B 65 6.51 -9.63 14.16
CA GLY B 65 6.84 -10.59 15.21
C GLY B 65 8.29 -10.53 15.65
N LYS B 66 8.81 -11.68 16.09
CA LYS B 66 10.18 -11.79 16.61
C LYS B 66 10.78 -13.14 16.21
N VAL B 67 12.04 -13.13 15.79
CA VAL B 67 12.75 -14.37 15.47
C VAL B 67 13.14 -15.12 16.75
N THR B 68 12.92 -16.44 16.76
CA THR B 68 13.30 -17.29 17.88
C THR B 68 14.48 -18.24 17.64
N GLN B 69 14.64 -18.74 16.41
CA GLN B 69 15.74 -19.68 16.15
C GLN B 69 16.17 -19.70 14.70
N GLN B 70 17.45 -19.99 14.49
CA GLN B 70 18.02 -20.26 13.19
C GLN B 70 18.07 -21.76 12.90
N VAL B 71 17.68 -22.18 11.70
CA VAL B 71 17.86 -23.57 11.30
C VAL B 71 18.43 -23.57 9.89
N GLN B 72 19.51 -24.32 9.66
CA GLN B 72 20.08 -24.33 8.31
C GLN B 72 19.30 -25.29 7.42
N ASP B 73 19.10 -24.88 6.17
CA ASP B 73 18.53 -25.75 5.15
C ASP B 73 19.52 -26.83 4.77
N GLU B 74 19.02 -28.02 4.45
CA GLU B 74 19.90 -29.13 4.12
C GLU B 74 20.81 -28.80 2.93
N HIS B 75 20.25 -28.11 1.95
CA HIS B 75 20.99 -27.75 0.74
C HIS B 75 21.57 -26.35 0.86
N ARG B 76 20.69 -25.37 0.64
CA ARG B 76 21.09 -23.97 0.61
C ARG B 76 20.03 -23.06 1.23
N GLY B 77 20.51 -22.06 1.93
CA GLY B 77 19.68 -21.08 2.58
C GLY B 77 19.59 -21.30 4.08
N THR B 78 19.18 -20.26 4.77
CA THR B 78 19.05 -20.30 6.20
C THR B 78 17.61 -20.01 6.55
N HIS B 79 17.03 -20.80 7.46
CA HIS B 79 15.65 -20.58 7.86
C HIS B 79 15.60 -20.02 9.27
N TRP B 80 14.56 -19.23 9.53
CA TRP B 80 14.42 -18.52 10.79
C TRP B 80 13.00 -18.70 11.25
N ASN B 81 12.83 -19.13 12.49
N ASN B 81 12.80 -19.25 12.45
CA ASN B 81 11.52 -19.31 13.06
CA ASN B 81 11.44 -19.29 12.97
C ASN B 81 11.08 -17.96 13.61
C ASN B 81 11.09 -17.96 13.56
N MET B 82 9.86 -17.54 13.31
CA MET B 82 9.40 -16.24 13.75
C MET B 82 8.06 -16.40 14.42
N THR B 83 7.94 -15.95 15.67
CA THR B 83 6.63 -15.91 16.28
C THR B 83 5.96 -14.67 15.69
N VAL B 84 4.68 -14.75 15.39
CA VAL B 84 4.00 -13.60 14.81
C VAL B 84 2.95 -13.06 15.75
N THR B 85 2.83 -11.73 15.75
CA THR B 85 1.79 -11.06 16.50
C THR B 85 0.73 -10.53 15.54
N ASN B 86 -0.31 -9.88 16.07
CA ASN B 86 -1.16 -9.08 15.20
C ASN B 86 -0.33 -7.97 14.59
N LEU B 87 -0.77 -7.45 13.45
CA LEU B 87 -0.03 -6.37 12.81
C LEU B 87 0.09 -5.14 13.71
N ASN B 88 -0.84 -4.95 14.65
CA ASN B 88 -0.74 -3.80 15.55
C ASN B 88 0.14 -4.10 16.76
N GLY B 89 0.80 -5.26 16.75
CA GLY B 89 1.76 -5.57 17.80
C GLY B 89 1.20 -6.28 19.02
N THR B 90 -0.13 -6.30 19.16
CA THR B 90 -0.75 -7.03 20.28
C THR B 90 -0.60 -8.51 20.01
N PRO B 91 -0.64 -9.33 21.07
CA PRO B 91 -0.48 -10.77 20.85
C PRO B 91 -1.61 -11.33 20.01
N PHE B 92 -1.28 -12.24 19.10
CA PHE B 92 -2.32 -12.91 18.34
C PHE B 92 -2.97 -13.95 19.24
N ASP B 93 -4.29 -13.90 19.31
CA ASP B 93 -5.05 -14.85 20.10
C ASP B 93 -5.60 -15.93 19.17
N PRO B 94 -4.99 -17.12 19.18
CA PRO B 94 -5.38 -18.22 18.29
C PRO B 94 -6.85 -18.61 18.43
N THR B 95 -7.49 -18.21 19.52
CA THR B 95 -8.90 -18.54 19.74
C THR B 95 -9.83 -17.50 19.14
N GLU B 96 -9.28 -16.41 18.62
CA GLU B 96 -10.07 -15.44 17.86
C GLU B 96 -10.69 -16.12 16.64
N ASP B 97 -11.89 -15.69 16.25
CA ASP B 97 -12.61 -16.29 15.14
C ASP B 97 -12.15 -15.77 13.78
N VAL B 98 -10.87 -15.96 13.50
CA VAL B 98 -10.28 -15.61 12.21
C VAL B 98 -9.46 -16.80 11.74
N PRO B 99 -9.22 -16.91 10.42
CA PRO B 99 -8.44 -18.06 9.94
C PRO B 99 -6.98 -18.00 10.37
N ALA B 100 -6.48 -16.80 10.63
CA ALA B 100 -5.05 -16.53 10.84
C ALA B 100 -4.95 -15.04 11.16
N PRO B 101 -3.77 -14.55 11.59
CA PRO B 101 -3.68 -13.11 11.85
C PRO B 101 -4.12 -12.32 10.64
N LEU B 102 -4.85 -11.23 10.83
CA LEU B 102 -5.32 -10.49 9.65
C LEU B 102 -4.11 -10.02 8.83
N GLY B 103 -4.23 -10.10 7.51
CA GLY B 103 -3.13 -9.71 6.63
C GLY B 103 -2.32 -10.91 6.15
N THR B 104 -2.42 -12.04 6.85
CA THR B 104 -1.71 -13.28 6.46
C THR B 104 -1.96 -13.58 4.95
N PRO B 105 -0.91 -13.95 4.20
CA PRO B 105 -1.12 -14.31 2.78
C PRO B 105 -2.17 -15.39 2.63
N ASP B 106 -2.96 -15.33 1.56
CA ASP B 106 -4.05 -16.29 1.39
C ASP B 106 -3.83 -17.25 0.22
N PHE B 107 -2.57 -17.45 -0.20
CA PHE B 107 -2.30 -18.38 -1.28
C PHE B 107 -0.99 -19.13 -1.09
N SER B 108 -0.88 -20.22 -1.82
CA SER B 108 0.31 -21.06 -1.84
C SER B 108 1.36 -20.45 -2.71
N GLY B 109 2.56 -20.30 -2.19
CA GLY B 109 3.68 -19.86 -2.99
C GLY B 109 4.86 -19.44 -2.15
N GLN B 110 5.92 -19.01 -2.81
CA GLN B 110 7.11 -18.50 -2.16
C GLN B 110 7.04 -16.98 -2.22
N ILE B 111 6.63 -16.36 -1.12
CA ILE B 111 6.46 -14.92 -1.10
C ILE B 111 7.78 -14.27 -0.77
N TYR B 112 8.24 -13.43 -1.69
CA TYR B 112 9.52 -12.72 -1.59
C TYR B 112 9.34 -11.32 -1.03
N GLY B 113 10.21 -10.92 -0.11
CA GLY B 113 10.11 -9.59 0.43
C GLY B 113 11.34 -9.27 1.23
N VAL B 114 11.19 -8.33 2.16
CA VAL B 114 12.28 -7.90 2.99
C VAL B 114 11.90 -8.05 4.46
N ILE B 115 12.72 -8.75 5.21
CA ILE B 115 12.64 -8.75 6.66
C ILE B 115 13.51 -7.62 7.20
N SER B 116 12.95 -6.79 8.09
CA SER B 116 13.73 -5.74 8.73
C SER B 116 13.55 -5.83 10.23
N GLN B 117 14.56 -5.36 10.98
CA GLN B 117 14.53 -5.44 12.42
C GLN B 117 15.01 -4.12 13.00
N ARG B 118 14.33 -3.66 14.05
CA ARG B 118 14.78 -2.50 14.83
C ARG B 118 14.83 -2.96 16.27
N ASN B 119 16.03 -3.03 16.82
CA ASN B 119 16.20 -3.60 18.16
C ASN B 119 15.49 -2.79 19.25
N THR B 120 15.12 -3.49 20.32
CA THR B 120 14.52 -2.85 21.49
C THR B 120 15.53 -2.06 22.30
N ASN B 128 21.96 6.18 22.45
CA ASN B 128 20.67 5.59 22.75
C ASN B 128 19.80 5.41 21.52
N LEU B 129 20.42 5.00 20.41
CA LEU B 129 19.69 4.73 19.17
C LEU B 129 19.77 3.24 18.89
N PRO B 130 18.66 2.65 18.42
CA PRO B 130 18.69 1.19 18.24
C PRO B 130 19.45 0.73 17.00
N ALA B 131 19.99 -0.48 17.08
CA ALA B 131 20.61 -1.16 15.94
C ALA B 131 19.57 -1.72 14.98
N ASN B 132 19.90 -1.78 13.69
CA ASN B 132 18.97 -2.22 12.66
C ASN B 132 19.60 -3.18 11.67
N ARG B 133 18.77 -4.00 11.03
CA ARG B 133 19.21 -4.75 9.86
C ARG B 133 18.02 -5.14 9.00
N ALA B 134 18.26 -5.26 7.70
CA ALA B 134 17.23 -5.81 6.81
C ALA B 134 17.86 -6.72 5.78
N HIS B 135 17.10 -7.73 5.34
CA HIS B 135 17.59 -8.69 4.34
C HIS B 135 16.45 -9.17 3.49
N GLU B 136 16.75 -9.55 2.25
CA GLU B 136 15.77 -10.27 1.45
C GLU B 136 15.38 -11.54 2.16
N ALA B 137 14.10 -11.91 2.04
CA ALA B 137 13.61 -13.12 2.69
C ALA B 137 12.49 -13.73 1.85
N VAL B 138 12.26 -15.02 2.04
CA VAL B 138 11.19 -15.72 1.35
C VAL B 138 10.35 -16.49 2.37
N ILE B 139 9.03 -16.39 2.26
CA ILE B 139 8.13 -17.16 3.09
C ILE B 139 7.36 -18.17 2.24
N ALA B 140 7.64 -19.45 2.46
CA ALA B 140 6.94 -20.51 1.73
C ALA B 140 5.65 -20.84 2.44
N THR B 141 4.53 -20.39 1.90
CA THR B 141 3.25 -20.48 2.62
C THR B 141 2.70 -21.89 2.59
N TYR B 142 3.27 -22.75 1.74
CA TYR B 142 2.82 -24.14 1.64
C TYR B 142 3.62 -25.05 2.57
N SER B 143 4.63 -24.49 3.22
CA SER B 143 5.55 -25.24 4.09
C SER B 143 4.84 -25.75 5.33
N PRO B 144 5.23 -26.95 5.81
CA PRO B 144 4.70 -27.44 7.09
C PRO B 144 4.98 -26.47 8.24
N LYS B 145 5.97 -25.61 8.08
CA LYS B 145 6.34 -24.66 9.14
C LYS B 145 5.58 -23.35 9.05
N PHE B 146 4.76 -23.21 8.02
CA PHE B 146 3.91 -22.05 7.91
C PHE B 146 2.65 -22.29 8.72
N THR B 147 2.66 -21.85 9.98
CA THR B 147 1.49 -22.08 10.85
C THR B 147 1.07 -20.79 11.56
N PRO B 148 0.70 -19.76 10.78
CA PRO B 148 0.42 -18.46 11.41
C PRO B 148 -0.74 -18.49 12.41
N LYS B 149 -1.72 -19.37 12.19
CA LYS B 149 -2.83 -19.50 13.13
C LYS B 149 -2.33 -20.02 14.48
N LEU B 150 -1.21 -20.73 14.47
CA LEU B 150 -0.59 -21.19 15.72
C LEU B 150 0.39 -20.17 16.30
N GLY B 151 0.57 -19.07 15.58
CA GLY B 151 1.38 -17.96 16.05
C GLY B 151 2.84 -18.02 15.63
N ASN B 152 3.16 -18.86 14.65
CA ASN B 152 4.53 -18.92 14.17
C ASN B 152 4.67 -19.35 12.71
N ILE B 153 5.68 -18.79 12.07
CA ILE B 153 5.99 -19.07 10.67
C ILE B 153 7.50 -19.20 10.52
N GLN B 154 7.93 -19.54 9.32
CA GLN B 154 9.34 -19.60 9.03
C GLN B 154 9.60 -18.80 7.77
N PHE B 155 10.73 -18.09 7.72
CA PHE B 155 11.15 -17.44 6.49
C PHE B 155 12.61 -17.81 6.24
N SER B 156 13.03 -17.78 4.97
CA SER B 156 14.40 -18.12 4.65
C SER B 156 15.11 -16.91 4.10
N THR B 157 16.42 -16.89 4.29
CA THR B 157 17.27 -15.82 3.77
C THR B 157 18.42 -16.42 2.98
N TRP B 158 18.97 -15.62 2.08
CA TRP B 158 20.26 -15.88 1.47
C TRP B 158 21.34 -15.50 2.50
N GLU B 159 21.08 -14.41 3.22
CA GLU B 159 21.91 -14.01 4.37
C GLU B 159 22.08 -15.19 5.32
N THR B 160 23.30 -15.43 5.78
CA THR B 160 23.56 -16.63 6.58
C THR B 160 23.56 -16.43 8.10
N GLN B 161 23.69 -15.21 8.60
CA GLN B 161 23.89 -15.06 10.05
C GLN B 161 23.23 -13.85 10.70
N ASP B 162 23.15 -12.75 9.96
CA ASP B 162 22.82 -11.43 10.53
C ASP B 162 21.30 -11.21 10.68
N VAL B 163 20.64 -12.13 11.37
CA VAL B 163 19.25 -11.95 11.75
C VAL B 163 19.19 -12.18 13.25
N SER B 164 18.68 -11.20 13.99
CA SER B 164 18.74 -11.26 15.45
C SER B 164 17.49 -11.89 16.07
N SER B 165 17.68 -12.67 17.12
CA SER B 165 16.57 -13.23 17.89
C SER B 165 16.03 -12.26 18.93
N GLY B 166 14.72 -12.34 19.19
CA GLY B 166 14.11 -11.61 20.28
C GLY B 166 14.02 -10.12 20.01
N GLN B 167 14.11 -9.75 18.74
CA GLN B 167 14.02 -8.36 18.34
C GLN B 167 12.85 -8.12 17.39
N PRO B 168 12.15 -6.98 17.53
CA PRO B 168 11.00 -6.66 16.65
C PRO B 168 11.34 -6.77 15.18
N THR B 169 10.51 -7.52 14.46
CA THR B 169 10.77 -7.91 13.10
C THR B 169 9.55 -7.61 12.23
N LYS B 170 9.82 -7.12 11.03
CA LYS B 170 8.77 -6.77 10.08
C LYS B 170 9.03 -7.48 8.76
N PHE B 171 7.99 -8.03 8.14
CA PHE B 171 8.11 -8.53 6.78
C PHE B 171 7.36 -7.60 5.86
N THR B 172 8.08 -7.04 4.89
CA THR B 172 7.49 -6.24 3.82
C THR B 172 7.45 -7.07 2.55
N PRO B 173 6.24 -7.44 2.09
CA PRO B 173 6.14 -8.25 0.88
C PRO B 173 6.55 -7.48 -0.37
N VAL B 174 7.16 -8.15 -1.35
CA VAL B 174 7.52 -7.48 -2.59
C VAL B 174 7.01 -8.21 -3.83
N GLY B 175 7.09 -9.53 -3.82
CA GLY B 175 6.60 -10.29 -4.95
C GLY B 175 6.70 -11.77 -4.65
N LEU B 176 7.02 -12.56 -5.67
CA LEU B 176 7.26 -14.00 -5.51
C LEU B 176 8.73 -14.34 -5.78
N ALA B 177 9.23 -15.37 -5.13
CA ALA B 177 10.63 -15.79 -5.34
C ALA B 177 10.79 -16.51 -6.67
N SER B 178 9.75 -17.25 -7.06
CA SER B 178 9.78 -18.13 -8.22
C SER B 178 8.35 -18.55 -8.53
N VAL B 179 8.09 -18.92 -9.78
CA VAL B 179 6.87 -19.66 -10.07
C VAL B 179 7.19 -20.95 -10.84
N ASP B 180 8.43 -21.44 -10.71
CA ASP B 180 8.73 -22.73 -11.35
C ASP B 180 7.96 -23.88 -10.66
N ALA B 181 7.99 -25.06 -11.27
CA ALA B 181 7.24 -26.22 -10.77
C ALA B 181 7.47 -26.49 -9.27
N ASN B 182 8.71 -26.37 -8.83
CA ASN B 182 9.09 -26.62 -7.45
C ASN B 182 8.67 -25.53 -6.46
N SER B 183 8.10 -24.43 -6.93
CA SER B 183 7.78 -23.32 -6.04
C SER B 183 6.30 -23.23 -5.63
N HIS B 184 5.48 -24.15 -6.14
CA HIS B 184 4.09 -24.31 -5.71
C HIS B 184 3.27 -23.01 -5.68
N PHE B 185 3.40 -22.18 -6.70
CA PHE B 185 2.54 -21.01 -6.76
C PHE B 185 1.17 -21.42 -7.27
N ASP B 186 0.14 -21.17 -6.46
CA ASP B 186 -1.25 -21.35 -6.92
C ASP B 186 -2.10 -20.38 -6.17
N GLN B 187 -2.59 -19.35 -6.86
CA GLN B 187 -3.25 -18.27 -6.15
C GLN B 187 -4.58 -18.67 -5.50
N TRP B 188 -5.14 -19.81 -5.90
CA TRP B 188 -6.40 -20.25 -5.30
C TRP B 188 -6.23 -21.38 -4.30
N THR B 189 -5.00 -21.84 -4.06
CA THR B 189 -4.77 -22.86 -3.05
C THR B 189 -4.49 -22.16 -1.73
N LEU B 190 -5.34 -22.36 -0.73
CA LEU B 190 -5.15 -21.72 0.57
C LEU B 190 -3.99 -22.38 1.31
N PRO B 191 -3.22 -21.61 2.11
CA PRO B 191 -2.29 -22.25 3.05
C PRO B 191 -3.07 -23.06 4.05
N SER B 192 -2.42 -24.03 4.68
CA SER B 192 -2.95 -24.66 5.88
C SER B 192 -2.47 -23.79 7.03
N TYR B 193 -3.35 -22.90 7.52
CA TYR B 193 -2.93 -21.87 8.47
C TYR B 193 -2.44 -22.48 9.80
N SER B 194 -2.87 -23.70 10.13
CA SER B 194 -2.40 -24.39 11.33
C SER B 194 -1.57 -25.61 11.03
N GLY B 195 -1.17 -25.80 9.79
CA GLY B 195 -0.40 -26.98 9.46
C GLY B 195 -1.25 -28.04 8.78
N ALA B 196 -0.56 -29.01 8.19
CA ALA B 196 -1.14 -29.89 7.21
C ALA B 196 -2.32 -30.79 7.62
N LEU B 197 -2.37 -31.23 8.87
CA LEU B 197 -3.44 -32.14 9.29
C LEU B 197 -4.60 -31.45 9.98
N THR B 198 -4.55 -30.13 10.04
CA THR B 198 -5.58 -29.34 10.68
C THR B 198 -6.43 -28.56 9.67
N LEU B 199 -7.72 -28.51 9.94
CA LEU B 199 -8.68 -27.83 9.07
C LEU B 199 -8.59 -26.32 9.26
N ASN B 200 -8.55 -25.56 8.17
CA ASN B 200 -8.68 -24.10 8.29
C ASN B 200 -10.06 -23.78 8.87
N MET B 201 -10.17 -22.67 9.57
N MET B 201 -10.15 -22.66 9.58
CA MET B 201 -11.43 -22.32 10.21
CA MET B 201 -11.38 -22.27 10.26
C MET B 201 -11.77 -20.86 9.98
C MET B 201 -11.77 -20.84 9.94
N ASN B 202 -13.04 -20.50 10.18
CA ASN B 202 -13.53 -19.13 10.07
C ASN B 202 -13.30 -18.51 8.69
N LEU B 203 -13.35 -19.33 7.64
CA LEU B 203 -13.03 -18.83 6.30
C LEU B 203 -14.15 -18.00 5.72
N ALA B 204 -13.77 -16.98 4.94
CA ALA B 204 -14.70 -16.34 4.04
C ALA B 204 -15.17 -17.42 3.05
N PRO B 205 -16.45 -17.38 2.68
CA PRO B 205 -16.99 -18.47 1.84
C PRO B 205 -16.45 -18.45 0.42
N SER B 206 -16.54 -19.59 -0.26
CA SER B 206 -16.15 -19.64 -1.66
C SER B 206 -17.14 -18.78 -2.47
N VAL B 207 -16.68 -18.32 -3.63
CA VAL B 207 -17.52 -17.52 -4.53
C VAL B 207 -17.58 -18.14 -5.92
N ALA B 208 -18.73 -18.01 -6.57
CA ALA B 208 -18.92 -18.63 -7.87
C ALA B 208 -20.15 -18.05 -8.53
N PRO B 209 -20.18 -18.02 -9.87
CA PRO B 209 -21.43 -17.62 -10.52
C PRO B 209 -22.48 -18.68 -10.24
N VAL B 210 -23.75 -18.29 -10.18
CA VAL B 210 -24.81 -19.26 -9.96
C VAL B 210 -25.78 -19.30 -11.13
N PHE B 211 -25.57 -18.41 -12.09
CA PHE B 211 -26.46 -18.20 -13.21
C PHE B 211 -25.72 -18.59 -14.49
N PRO B 212 -26.40 -19.28 -15.41
CA PRO B 212 -25.74 -19.79 -16.63
C PRO B 212 -25.16 -18.66 -17.49
N GLY B 213 -23.96 -18.88 -18.03
CA GLY B 213 -23.35 -17.93 -18.93
C GLY B 213 -22.51 -16.89 -18.19
N GLU B 214 -22.53 -16.93 -16.86
CA GLU B 214 -21.77 -15.97 -16.09
C GLU B 214 -20.42 -16.51 -15.61
N CYS B 215 -19.49 -15.60 -15.39
CA CYS B 215 -18.18 -15.98 -14.85
C CYS B 215 -17.74 -14.89 -13.88
N LEU B 216 -16.82 -15.24 -12.99
CA LEU B 216 -16.24 -14.26 -12.07
C LEU B 216 -15.50 -13.17 -12.85
N LEU B 217 -15.55 -11.92 -12.36
CA LEU B 217 -14.76 -10.83 -12.91
C LEU B 217 -13.77 -10.42 -11.84
N PHE B 218 -12.49 -10.40 -12.20
CA PHE B 218 -11.42 -10.13 -11.24
C PHE B 218 -10.74 -8.81 -11.53
N PHE B 219 -10.20 -8.21 -10.47
CA PHE B 219 -9.25 -7.14 -10.59
C PHE B 219 -7.86 -7.74 -10.55
N ARG B 220 -7.16 -7.71 -11.67
CA ARG B 220 -5.89 -8.42 -11.81
C ARG B 220 -4.66 -7.50 -11.69
N SER B 221 -3.64 -7.99 -10.98
CA SER B 221 -2.34 -7.31 -10.85
C SER B 221 -1.23 -8.29 -11.18
N PHE B 222 -0.19 -7.81 -11.86
CA PHE B 222 0.95 -8.65 -12.10
C PHE B 222 1.95 -8.48 -10.98
N ILE B 223 2.50 -9.59 -10.50
CA ILE B 223 3.29 -9.55 -9.27
C ILE B 223 4.78 -9.76 -9.61
N PRO B 224 5.69 -9.01 -8.98
CA PRO B 224 7.11 -9.14 -9.37
C PRO B 224 7.69 -10.50 -9.03
N LEU B 225 8.77 -10.86 -9.73
CA LEU B 225 9.52 -12.09 -9.47
C LEU B 225 10.97 -11.82 -9.15
N LYS B 226 11.47 -12.51 -8.13
CA LYS B 226 12.89 -12.44 -7.79
C LYS B 226 13.79 -13.05 -8.88
N GLY B 227 13.31 -14.08 -9.54
CA GLY B 227 14.09 -14.72 -10.58
C GLY B 227 13.27 -15.71 -11.39
N GLY B 228 13.87 -16.26 -12.44
CA GLY B 228 13.21 -17.27 -13.24
C GLY B 228 12.26 -16.71 -14.29
N TYR B 229 11.57 -17.61 -14.97
CA TYR B 229 10.63 -17.21 -16.01
C TYR B 229 9.22 -17.13 -15.49
N GLY B 230 8.42 -16.25 -16.09
CA GLY B 230 7.02 -16.15 -15.73
C GLY B 230 6.43 -14.77 -15.80
N ASN B 231 5.11 -14.71 -15.82
CA ASN B 231 4.39 -13.45 -15.71
C ASN B 231 3.23 -13.61 -14.74
N PRO B 232 3.55 -13.91 -13.46
CA PRO B 232 2.48 -14.25 -12.52
C PRO B 232 1.55 -13.08 -12.22
N ALA B 233 0.30 -13.44 -11.95
CA ALA B 233 -0.74 -12.48 -11.63
C ALA B 233 -1.48 -12.87 -10.36
N ILE B 234 -2.02 -11.87 -9.67
CA ILE B 234 -2.87 -12.08 -8.52
C ILE B 234 -4.21 -11.39 -8.79
N ASP B 235 -5.29 -12.17 -8.69
CA ASP B 235 -6.64 -11.70 -8.97
C ASP B 235 -7.39 -11.47 -7.67
N CYS B 236 -7.92 -10.27 -7.45
CA CYS B 236 -8.73 -10.06 -6.27
C CYS B 236 -10.20 -9.84 -6.65
N LEU B 237 -11.11 -10.12 -5.73
CA LEU B 237 -12.55 -10.04 -6.01
C LEU B 237 -13.00 -8.59 -6.03
N MET B 238 -12.39 -7.79 -5.18
CA MET B 238 -12.64 -6.35 -5.12
C MET B 238 -11.33 -5.70 -4.72
N PRO B 239 -11.06 -4.49 -5.25
CA PRO B 239 -9.82 -3.79 -4.87
C PRO B 239 -9.86 -3.35 -3.42
N GLN B 240 -8.71 -3.06 -2.85
CA GLN B 240 -8.64 -2.68 -1.43
C GLN B 240 -9.47 -1.43 -1.15
N GLU B 241 -9.54 -0.49 -2.10
CA GLU B 241 -10.35 0.71 -1.91
C GLU B 241 -11.85 0.41 -1.80
N TRP B 242 -12.30 -0.68 -2.41
CA TRP B 242 -13.70 -1.02 -2.25
C TRP B 242 -13.98 -1.57 -0.84
N VAL B 243 -13.07 -2.41 -0.37
CA VAL B 243 -13.12 -2.93 1.01
C VAL B 243 -13.19 -1.76 1.97
N GLN B 244 -12.31 -0.79 1.78
CA GLN B 244 -12.25 0.35 2.70
C GLN B 244 -13.54 1.16 2.62
N HIS B 245 -14.07 1.33 1.41
CA HIS B 245 -15.31 2.09 1.20
C HIS B 245 -16.52 1.39 1.83
N LEU B 246 -16.68 0.11 1.53
CA LEU B 246 -17.82 -0.66 2.03
C LEU B 246 -17.79 -0.66 3.56
N TYR B 247 -16.61 -0.86 4.12
CA TYR B 247 -16.47 -0.83 5.58
C TYR B 247 -16.93 0.51 6.17
N GLN B 248 -16.50 1.63 5.57
CA GLN B 248 -16.92 2.97 6.02
C GLN B 248 -18.43 3.15 5.93
N GLU B 249 -18.98 2.80 4.77
CA GLU B 249 -20.37 3.12 4.47
C GLU B 249 -21.36 2.27 5.26
N SER B 250 -21.08 0.98 5.34
CA SER B 250 -21.98 0.02 5.99
C SER B 250 -23.43 0.23 5.54
N ALA B 251 -23.62 0.39 4.23
CA ALA B 251 -24.95 0.55 3.68
C ALA B 251 -25.68 -0.80 3.66
N PRO B 252 -26.92 -0.83 4.16
CA PRO B 252 -27.67 -2.09 4.14
C PRO B 252 -27.84 -2.65 2.72
N SER B 253 -27.65 -3.95 2.58
CA SER B 253 -27.85 -4.61 1.29
C SER B 253 -29.33 -4.93 1.13
N LEU B 254 -29.96 -4.43 0.06
CA LEU B 254 -31.42 -4.55 -0.07
C LEU B 254 -31.85 -5.79 -0.87
N SER B 255 -30.89 -6.45 -1.52
CA SER B 255 -31.12 -7.77 -2.07
C SER B 255 -29.80 -8.50 -2.01
N ASP B 256 -29.75 -9.69 -2.60
CA ASP B 256 -28.51 -10.46 -2.57
C ASP B 256 -27.58 -10.06 -3.72
N VAL B 257 -28.09 -9.25 -4.65
CA VAL B 257 -27.32 -8.92 -5.85
C VAL B 257 -27.57 -7.48 -6.30
N ALA B 258 -26.50 -6.70 -6.38
CA ALA B 258 -26.60 -5.35 -6.95
C ALA B 258 -26.20 -5.36 -8.41
N LEU B 259 -26.97 -4.65 -9.24
CA LEU B 259 -26.56 -4.43 -10.63
C LEU B 259 -25.64 -3.20 -10.68
N VAL B 260 -24.45 -3.37 -11.26
CA VAL B 260 -23.54 -2.24 -11.40
C VAL B 260 -23.17 -2.07 -12.89
N ARG B 261 -22.89 -0.84 -13.28
CA ARG B 261 -22.55 -0.54 -14.67
C ARG B 261 -21.13 0.00 -14.75
N TYR B 262 -20.35 -0.52 -15.70
CA TYR B 262 -19.01 -0.01 -15.93
C TYR B 262 -19.14 1.11 -16.93
N VAL B 263 -18.84 2.33 -16.48
CA VAL B 263 -19.16 3.47 -17.32
C VAL B 263 -17.94 4.22 -17.81
N ASN B 264 -18.06 4.71 -19.03
CA ASN B 264 -17.15 5.69 -19.57
C ASN B 264 -17.78 7.03 -19.25
N PRO B 265 -17.20 7.76 -18.29
CA PRO B 265 -17.80 9.03 -17.86
C PRO B 265 -17.71 10.10 -18.94
N GLU B 266 -16.68 10.04 -19.79
CA GLU B 266 -16.47 11.02 -20.85
C GLU B 266 -17.56 10.99 -21.91
N THR B 267 -18.29 9.87 -21.97
CA THR B 267 -19.37 9.72 -22.94
C THR B 267 -20.66 9.40 -22.20
N GLY B 268 -20.54 8.99 -20.95
CA GLY B 268 -21.70 8.63 -20.14
C GLY B 268 -22.24 7.27 -20.51
N ARG B 269 -21.59 6.60 -21.46
CA ARG B 269 -22.07 5.31 -21.93
C ARG B 269 -21.66 4.17 -21.02
N THR B 270 -22.53 3.18 -20.89
CA THR B 270 -22.23 1.96 -20.18
C THR B 270 -21.44 1.04 -21.10
N LEU B 271 -20.27 0.61 -20.65
CA LEU B 271 -19.46 -0.32 -21.41
C LEU B 271 -19.93 -1.76 -21.23
N PHE B 272 -20.26 -2.10 -19.99
CA PHE B 272 -20.91 -3.38 -19.70
C PHE B 272 -21.52 -3.31 -18.33
N GLU B 273 -22.37 -4.28 -18.02
CA GLU B 273 -22.91 -4.35 -16.67
C GLU B 273 -22.46 -5.63 -16.00
N ALA B 274 -22.57 -5.64 -14.67
CA ALA B 274 -22.10 -6.76 -13.89
C ALA B 274 -23.00 -6.96 -12.68
N LYS B 275 -22.99 -8.17 -12.13
CA LYS B 275 -23.64 -8.43 -10.84
C LYS B 275 -22.60 -8.27 -9.74
N LEU B 276 -22.91 -7.45 -8.73
CA LEU B 276 -22.09 -7.34 -7.53
C LEU B 276 -22.84 -8.05 -6.40
N HIS B 277 -22.30 -9.18 -6.01
CA HIS B 277 -22.99 -10.08 -5.09
C HIS B 277 -22.76 -9.68 -3.64
N ARG B 278 -23.77 -9.92 -2.81
CA ARG B 278 -23.77 -9.57 -1.40
C ARG B 278 -22.48 -9.93 -0.65
N ASN B 279 -21.92 -11.10 -0.95
N ASN B 279 -21.92 -11.09 -0.96
CA ASN B 279 -20.73 -11.54 -0.26
CA ASN B 279 -20.74 -11.55 -0.27
C ASN B 279 -19.46 -10.85 -0.74
C ASN B 279 -19.48 -10.81 -0.70
N GLY B 280 -19.59 -10.05 -1.80
CA GLY B 280 -18.50 -9.18 -2.23
C GLY B 280 -17.65 -9.68 -3.39
N PHE B 281 -18.31 -9.90 -4.52
CA PHE B 281 -17.62 -10.33 -5.73
C PHE B 281 -18.49 -10.03 -6.94
N LEU B 282 -17.87 -9.98 -8.11
CA LEU B 282 -18.55 -9.61 -9.35
C LEU B 282 -18.71 -10.81 -10.29
N THR B 283 -19.83 -10.87 -11.00
CA THR B 283 -19.90 -11.76 -12.15
C THR B 283 -20.35 -10.99 -13.38
N VAL B 284 -19.99 -11.50 -14.55
CA VAL B 284 -20.41 -10.88 -15.81
C VAL B 284 -20.85 -11.98 -16.77
N ALA B 285 -21.62 -11.58 -17.77
CA ALA B 285 -22.02 -12.52 -18.81
C ALA B 285 -20.95 -12.47 -19.89
N ARG B 286 -19.92 -13.30 -19.74
CA ARG B 286 -18.82 -13.35 -20.70
C ARG B 286 -18.42 -14.80 -20.87
N ASN B 287 -18.11 -15.18 -22.11
CA ASN B 287 -17.76 -16.57 -22.38
C ASN B 287 -16.33 -16.72 -22.89
N SER B 288 -15.46 -15.80 -22.47
CA SER B 288 -14.07 -15.84 -22.88
C SER B 288 -13.15 -15.52 -21.72
N ALA B 289 -11.89 -15.92 -21.83
CA ALA B 289 -10.90 -15.59 -20.81
C ALA B 289 -10.01 -14.48 -21.30
N GLY B 290 -9.46 -13.71 -20.38
CA GLY B 290 -8.50 -12.70 -20.76
C GLY B 290 -8.88 -11.36 -20.20
N PRO B 291 -8.07 -10.34 -20.51
CA PRO B 291 -8.38 -9.00 -20.02
C PRO B 291 -9.68 -8.47 -20.61
N VAL B 292 -10.31 -7.55 -19.87
CA VAL B 292 -11.37 -6.72 -20.42
C VAL B 292 -10.76 -5.44 -20.97
N VAL B 293 -10.94 -5.19 -22.26
CA VAL B 293 -10.37 -3.99 -22.86
C VAL B 293 -11.33 -2.83 -22.64
N ALA B 294 -10.93 -1.90 -21.79
CA ALA B 294 -11.83 -0.81 -21.45
C ALA B 294 -11.03 0.48 -21.35
N PRO B 295 -11.67 1.61 -21.74
CA PRO B 295 -10.99 2.91 -21.67
C PRO B 295 -10.48 3.16 -20.27
N THR B 296 -9.41 3.92 -20.16
CA THR B 296 -8.78 4.15 -18.87
C THR B 296 -9.64 4.98 -17.91
N ASN B 297 -10.62 5.71 -18.43
CA ASN B 297 -11.41 6.57 -17.56
C ASN B 297 -12.56 5.82 -16.87
N GLY B 298 -12.67 4.51 -17.11
CA GLY B 298 -13.82 3.74 -16.69
C GLY B 298 -13.91 3.36 -15.21
N TYR B 299 -15.12 3.28 -14.69
CA TYR B 299 -15.33 2.83 -13.30
C TYR B 299 -16.75 2.29 -13.10
N PHE B 300 -16.93 1.47 -12.05
CA PHE B 300 -18.22 0.90 -11.75
C PHE B 300 -19.09 1.87 -10.97
N ARG B 301 -20.36 1.90 -11.33
CA ARG B 301 -21.38 2.70 -10.67
C ARG B 301 -22.57 1.80 -10.29
N PHE B 302 -23.05 1.93 -9.06
CA PHE B 302 -24.24 1.20 -8.65
C PHE B 302 -25.45 1.65 -9.45
N ASP B 303 -26.24 0.69 -9.95
CA ASP B 303 -27.44 1.00 -10.70
C ASP B 303 -28.69 0.74 -9.87
N SER B 304 -28.82 -0.49 -9.37
CA SER B 304 -30.03 -0.92 -8.69
C SER B 304 -29.81 -2.27 -8.03
N TRP B 305 -30.67 -2.64 -7.09
CA TRP B 305 -30.72 -4.00 -6.57
C TRP B 305 -31.57 -4.89 -7.48
N VAL B 306 -31.04 -6.06 -7.81
CA VAL B 306 -31.76 -7.00 -8.67
C VAL B 306 -31.81 -8.34 -7.92
N ASN B 307 -31.94 -9.46 -8.61
CA ASN B 307 -31.87 -10.72 -7.89
C ASN B 307 -31.08 -11.76 -8.68
N GLN B 308 -31.02 -12.98 -8.17
CA GLN B 308 -30.23 -14.03 -8.78
C GLN B 308 -30.68 -14.37 -10.20
N PHE B 309 -31.95 -14.08 -10.52
CA PHE B 309 -32.48 -14.46 -11.83
C PHE B 309 -32.34 -13.38 -12.89
N TYR B 310 -31.77 -12.24 -12.51
CA TYR B 310 -31.55 -11.14 -13.43
C TYR B 310 -30.61 -11.57 -14.56
N THR B 311 -30.96 -11.26 -15.80
CA THR B 311 -30.10 -11.62 -16.92
C THR B 311 -29.22 -10.44 -17.33
N LEU B 312 -27.90 -10.61 -17.17
CA LEU B 312 -26.94 -9.57 -17.52
C LEU B 312 -26.83 -9.42 -19.02
N ALA B 313 -26.76 -8.17 -19.48
CA ALA B 313 -26.41 -7.94 -20.88
C ALA B 313 -25.04 -8.56 -21.13
N PRO B 314 -24.96 -9.42 -22.16
CA PRO B 314 -23.69 -10.05 -22.59
C PRO B 314 -22.59 -9.04 -22.90
N MET B 315 -21.37 -9.35 -22.47
CA MET B 315 -20.25 -8.45 -22.72
C MET B 315 -19.80 -8.52 -24.18
C1 EDO C . 25.12 -0.82 -2.47
O1 EDO C . 26.37 -0.52 -1.84
C2 EDO C . 24.03 0.05 -1.86
O2 EDO C . 24.24 1.41 -2.21
C1 EDO D . 25.45 -1.61 13.46
O1 EDO D . 25.91 -0.87 12.32
C2 EDO D . 24.10 -1.07 13.94
O2 EDO D . 23.05 -1.67 13.15
C1 FUL E . 17.49 -15.63 -12.77
C2 FUL E . 17.95 -14.21 -13.02
O2 FUL E . 19.05 -13.92 -12.14
C3 FUL E . 18.42 -14.05 -14.43
O3 FUL E . 18.75 -12.66 -14.72
C4 FUL E . 17.38 -14.52 -15.42
O4 FUL E . 16.27 -13.62 -15.43
C5 FUL E . 16.89 -15.93 -15.07
C6 FUL E . 15.75 -16.35 -15.95
O5 FUL E . 16.40 -15.97 -13.70
O1 FUL E . 17.00 -15.81 -11.48
C1 EDO F . 17.21 -18.44 0.40
O1 EDO F . 17.71 -19.47 -0.45
C2 EDO F . 15.84 -17.99 -0.09
O2 EDO F . 14.94 -19.11 -0.11
#